data_1XXL
#
_entry.id   1XXL
#
_cell.length_a   69.928
_cell.length_b   74.212
_cell.length_c   246.161
_cell.angle_alpha   90.00
_cell.angle_beta   90.00
_cell.angle_gamma   90.00
#
_symmetry.space_group_name_H-M   'C 2 2 21'
#
loop_
_entity.id
_entity.type
_entity.pdbx_description
1 polymer 'YcgJ protein'
2 non-polymer 'SULFATE ION'
3 water water
#
_entity_poly.entity_id   1
_entity_poly.type   'polypeptide(L)'
_entity_poly.pdbx_seq_one_letter_code
;(MSE)AHHHHHHSLGL(MSE)IKTAECRAEHRVLDIGAGAGHTALAFSPYVQECIGVDATKE(MSE)VEVASSFAQEKGV
ENVRFQQGTAESLPFPDDSFDIITCRYAAHHFSDVRKAVREVARVLKQDGRFLLVDHYAPEDPVLDEFVNHLNRLRDPSH
VRESSLSEWQA(MSE)FSANQLAYQDIQKWNLPIQYDSWIKRGGTPADREKQIITHLNHASDEARDTFCITLNQNGQPIS
FCLKAILIQGIKREG
;
_entity_poly.pdbx_strand_id   A,B
#
loop_
_chem_comp.id
_chem_comp.type
_chem_comp.name
_chem_comp.formula
SO4 non-polymer 'SULFATE ION' 'O4 S -2'
#
# COMPACT_ATOMS: atom_id res chain seq x y z
N HIS A 6 9.97 22.51 -9.80
CA HIS A 6 9.59 21.70 -8.60
C HIS A 6 10.37 22.13 -7.33
N HIS A 7 10.32 23.43 -7.06
CA HIS A 7 11.09 24.04 -5.98
C HIS A 7 10.64 23.63 -4.58
N HIS A 8 9.37 23.33 -4.42
CA HIS A 8 8.84 22.91 -3.13
C HIS A 8 9.45 21.57 -2.67
N SER A 9 9.45 20.58 -3.56
CA SER A 9 9.96 19.26 -3.21
C SER A 9 11.45 19.32 -2.93
N LEU A 10 12.16 20.10 -3.73
CA LEU A 10 13.58 20.28 -3.60
C LEU A 10 13.93 20.97 -2.29
N GLY A 11 13.24 22.08 -2.00
CA GLY A 11 13.42 22.76 -0.71
C GLY A 11 13.10 21.88 0.47
N LEU A 12 12.02 21.08 0.36
CA LEU A 12 11.67 20.12 1.43
C LEU A 12 12.74 19.07 1.70
N MSE A 13 13.30 18.54 0.62
CA MSE A 13 14.39 17.57 0.72
C MSE A 13 15.61 18.18 1.37
O MSE A 13 16.21 17.58 2.24
CB MSE A 13 14.78 17.06 -0.66
CG MSE A 13 13.78 16.14 -1.27
SE MSE A 13 14.42 15.59 -3.05
CE MSE A 13 14.07 13.70 -2.91
N ILE A 14 16.00 19.37 0.93
CA ILE A 14 17.17 20.02 1.51
C ILE A 14 16.92 20.26 3.00
N LYS A 15 15.77 20.84 3.34
CA LYS A 15 15.39 21.05 4.74
C LYS A 15 15.46 19.75 5.60
N THR A 16 14.91 18.67 5.07
CA THR A 16 14.80 17.42 5.80
C THR A 16 16.15 16.68 5.92
N ALA A 17 17.03 16.89 4.95
CA ALA A 17 18.29 16.14 4.87
C ALA A 17 19.27 16.44 6.00
N GLU A 18 19.12 17.60 6.65
CA GLU A 18 20.02 18.02 7.73
C GLU A 18 21.48 17.95 7.29
N CYS A 19 21.77 18.55 6.13
CA CYS A 19 23.08 18.47 5.52
C CYS A 19 24.22 18.94 6.44
N ARG A 20 25.33 18.20 6.39
CA ARG A 20 26.58 18.58 7.04
C ARG A 20 27.66 18.62 5.98
N ALA A 21 28.68 19.45 6.22
CA ALA A 21 29.76 19.68 5.27
C ALA A 21 30.52 18.42 4.84
N GLU A 22 30.57 17.40 5.69
CA GLU A 22 31.27 16.16 5.37
C GLU A 22 30.40 15.07 4.70
N HIS A 23 29.15 15.40 4.39
CA HIS A 23 28.25 14.41 3.83
C HIS A 23 28.50 14.10 2.36
N ARG A 24 28.30 12.84 2.01
CA ARG A 24 28.32 12.37 0.64
C ARG A 24 26.90 11.99 0.23
N VAL A 25 26.46 12.53 -0.90
CA VAL A 25 25.07 12.40 -1.35
C VAL A 25 25.01 11.71 -2.71
N LEU A 26 24.04 10.82 -2.85
CA LEU A 26 23.74 10.22 -4.11
C LEU A 26 22.33 10.65 -4.54
N ASP A 27 22.23 11.10 -5.79
CA ASP A 27 20.95 11.42 -6.43
C ASP A 27 20.64 10.42 -7.55
N ILE A 28 19.57 9.67 -7.35
CA ILE A 28 19.12 8.66 -8.28
C ILE A 28 18.09 9.22 -9.24
N GLY A 29 18.36 9.09 -10.53
CA GLY A 29 17.55 9.74 -11.58
C GLY A 29 17.84 11.22 -11.65
N ALA A 30 19.10 11.58 -11.80
CA ALA A 30 19.54 12.95 -11.61
C ALA A 30 19.05 13.97 -12.65
N GLY A 31 18.56 13.50 -13.81
CA GLY A 31 18.02 14.37 -14.86
C GLY A 31 19.04 15.40 -15.31
N ALA A 32 18.60 16.65 -15.39
CA ALA A 32 19.48 17.77 -15.81
C ALA A 32 20.38 18.31 -14.69
N GLY A 33 20.26 17.75 -13.48
CA GLY A 33 21.22 17.96 -12.42
C GLY A 33 20.74 18.91 -11.34
N HIS A 34 19.48 19.32 -11.40
CA HIS A 34 19.00 20.34 -10.46
C HIS A 34 19.08 19.90 -8.99
N THR A 35 18.72 18.66 -8.68
CA THR A 35 18.76 18.20 -7.30
C THR A 35 20.18 18.21 -6.76
N ALA A 36 21.12 17.68 -7.54
CA ALA A 36 22.52 17.60 -7.11
C ALA A 36 23.12 18.98 -6.92
N LEU A 37 22.85 19.89 -7.86
CA LEU A 37 23.33 21.27 -7.71
C LEU A 37 22.77 21.99 -6.49
N ALA A 38 21.51 21.75 -6.18
CA ALA A 38 20.90 22.39 -5.01
C ALA A 38 21.53 21.91 -3.70
N PHE A 39 21.97 20.66 -3.64
CA PHE A 39 22.60 20.14 -2.43
C PHE A 39 24.03 20.60 -2.26
N SER A 40 24.67 20.93 -3.39
CA SER A 40 26.13 21.13 -3.45
C SER A 40 26.74 22.19 -2.50
N PRO A 41 26.05 23.32 -2.24
CA PRO A 41 26.63 24.26 -1.28
C PRO A 41 26.78 23.73 0.14
N TYR A 42 26.00 22.69 0.49
CA TYR A 42 25.83 22.19 1.86
C TYR A 42 26.58 20.92 2.22
N VAL A 43 27.10 20.21 1.24
CA VAL A 43 27.70 18.90 1.49
C VAL A 43 29.06 18.82 0.82
N GLN A 44 29.81 17.77 1.12
CA GLN A 44 31.12 17.54 0.56
C GLN A 44 31.07 17.18 -0.93
N GLU A 45 30.10 16.36 -1.30
CA GLU A 45 30.09 15.75 -2.60
C GLU A 45 28.72 15.20 -2.95
N CYS A 46 28.29 15.48 -4.18
CA CYS A 46 27.08 14.90 -4.74
C CYS A 46 27.42 14.07 -5.98
N ILE A 47 26.89 12.87 -6.03
CA ILE A 47 27.01 12.00 -7.20
C ILE A 47 25.61 11.77 -7.74
N GLY A 48 25.43 12.00 -9.03
CA GLY A 48 24.15 11.76 -9.69
C GLY A 48 24.25 10.57 -10.62
N VAL A 49 23.24 9.70 -10.63
CA VAL A 49 23.15 8.68 -11.67
C VAL A 49 21.89 8.90 -12.48
N ASP A 50 22.03 8.79 -13.81
CA ASP A 50 20.89 8.84 -14.70
C ASP A 50 21.02 7.74 -15.76
N ALA A 51 19.88 7.23 -16.23
CA ALA A 51 19.86 6.11 -17.15
C ALA A 51 20.32 6.46 -18.56
N THR A 52 20.26 7.74 -18.94
CA THR A 52 20.58 8.12 -20.31
C THR A 52 21.88 8.91 -20.37
N LYS A 53 22.70 8.57 -21.36
CA LYS A 53 23.96 9.27 -21.61
C LYS A 53 23.75 10.75 -21.83
N GLU A 54 22.69 11.06 -22.53
CA GLU A 54 22.36 12.43 -22.90
C GLU A 54 22.13 13.30 -21.66
N MSE A 55 21.43 12.78 -20.66
CA MSE A 55 21.22 13.53 -19.42
C MSE A 55 22.50 13.68 -18.61
O MSE A 55 22.73 14.68 -17.95
CB MSE A 55 20.13 12.89 -18.57
CG MSE A 55 18.70 13.07 -19.11
SE MSE A 55 18.22 14.97 -19.56
CE MSE A 55 18.35 14.86 -21.46
N VAL A 56 23.34 12.66 -18.64
CA VAL A 56 24.64 12.76 -17.97
C VAL A 56 25.47 13.92 -18.54
N GLU A 57 25.47 14.06 -19.87
CA GLU A 57 26.21 15.14 -20.53
C GLU A 57 25.57 16.51 -20.22
N VAL A 58 24.24 16.57 -20.26
CA VAL A 58 23.50 17.81 -19.92
C VAL A 58 23.80 18.24 -18.49
N ALA A 59 23.70 17.32 -17.53
CA ALA A 59 23.96 17.68 -16.13
C ALA A 59 25.39 18.16 -15.91
N SER A 60 26.36 17.48 -16.52
CA SER A 60 27.77 17.83 -16.32
C SER A 60 28.08 19.23 -16.89
N SER A 61 27.50 19.56 -18.04
CA SER A 61 27.76 20.87 -18.62
C SER A 61 27.04 21.96 -17.82
N PHE A 62 25.88 21.64 -17.26
CA PHE A 62 25.15 22.56 -16.38
C PHE A 62 25.91 22.88 -15.08
N ALA A 63 26.58 21.88 -14.50
CA ALA A 63 27.48 22.07 -13.34
C ALA A 63 28.67 22.98 -13.68
N GLN A 64 29.29 22.71 -14.83
CA GLN A 64 30.38 23.54 -15.37
C GLN A 64 29.94 25.00 -15.57
N GLU A 65 28.80 25.18 -16.23
CA GLU A 65 28.18 26.50 -16.44
C GLU A 65 27.89 27.26 -15.13
N LYS A 66 27.57 26.54 -14.06
CA LYS A 66 27.38 27.16 -12.74
C LYS A 66 28.65 27.16 -11.90
N GLY A 67 29.72 26.56 -12.40
CA GLY A 67 31.03 26.55 -11.71
C GLY A 67 31.14 25.66 -10.47
N VAL A 68 30.24 24.69 -10.32
CA VAL A 68 30.30 23.81 -9.16
C VAL A 68 31.29 22.65 -9.41
N GLU A 69 32.17 22.42 -8.44
CA GLU A 69 33.26 21.47 -8.57
C GLU A 69 33.06 20.18 -7.75
N ASN A 70 32.00 20.12 -6.94
CA ASN A 70 31.80 18.99 -6.03
C ASN A 70 30.58 18.11 -6.41
N VAL A 71 30.15 18.16 -7.66
CA VAL A 71 29.06 17.34 -8.16
C VAL A 71 29.58 16.57 -9.36
N ARG A 72 29.27 15.29 -9.46
CA ARG A 72 29.65 14.48 -10.62
C ARG A 72 28.44 13.66 -11.07
N PHE A 73 28.36 13.37 -12.36
CA PHE A 73 27.24 12.61 -12.93
C PHE A 73 27.78 11.40 -13.65
N GLN A 74 27.06 10.30 -13.57
CA GLN A 74 27.40 9.14 -14.35
C GLN A 74 26.16 8.43 -14.80
N GLN A 75 26.32 7.57 -15.80
CA GLN A 75 25.22 6.78 -16.27
C GLN A 75 25.04 5.54 -15.39
N GLY A 76 23.80 5.24 -15.05
CA GLY A 76 23.50 4.01 -14.32
C GLY A 76 22.04 3.96 -13.94
N THR A 77 21.64 2.82 -13.38
CA THR A 77 20.27 2.59 -12.94
C THR A 77 20.25 2.25 -11.45
N ALA A 78 19.15 2.59 -10.79
CA ALA A 78 18.94 2.29 -9.37
C ALA A 78 18.97 0.79 -9.08
N GLU A 79 18.56 -0.02 -10.07
CA GLU A 79 18.50 -1.47 -9.87
C GLU A 79 19.89 -2.11 -9.79
N SER A 80 20.91 -1.39 -10.22
CA SER A 80 22.29 -1.88 -10.13
C SER A 80 23.22 -0.71 -9.91
N LEU A 81 23.34 -0.28 -8.67
CA LEU A 81 24.27 0.77 -8.31
C LEU A 81 25.68 0.17 -8.15
N PRO A 82 26.68 0.83 -8.75
CA PRO A 82 28.04 0.30 -8.70
C PRO A 82 28.81 0.56 -7.40
N PHE A 83 28.21 1.26 -6.43
CA PHE A 83 28.94 1.82 -5.31
C PHE A 83 29.07 0.80 -4.23
N PRO A 84 30.07 0.98 -3.34
CA PRO A 84 30.24 0.05 -2.22
C PRO A 84 29.08 0.11 -1.22
N ASP A 85 28.92 -0.94 -0.42
CA ASP A 85 27.97 -0.93 0.71
C ASP A 85 28.26 0.27 1.60
N ASP A 86 27.22 0.79 2.25
CA ASP A 86 27.39 1.82 3.29
C ASP A 86 28.30 2.99 2.87
N SER A 87 28.00 3.60 1.73
CA SER A 87 28.90 4.66 1.24
C SER A 87 28.30 6.08 1.19
N PHE A 88 26.98 6.21 1.33
CA PHE A 88 26.35 7.54 1.28
C PHE A 88 25.61 7.88 2.57
N ASP A 89 25.67 9.16 2.93
CA ASP A 89 25.00 9.69 4.09
C ASP A 89 23.55 9.99 3.75
N ILE A 90 23.35 10.47 2.54
CA ILE A 90 22.04 10.86 2.06
C ILE A 90 21.88 10.34 0.63
N ILE A 91 20.70 9.81 0.34
CA ILE A 91 20.34 9.39 -1.01
C ILE A 91 19.00 10.01 -1.32
N THR A 92 18.91 10.66 -2.48
CA THR A 92 17.72 11.39 -2.90
C THR A 92 17.20 10.79 -4.19
N CYS A 93 15.90 10.87 -4.34
CA CYS A 93 15.22 10.33 -5.50
C CYS A 93 13.96 11.16 -5.67
N ARG A 94 13.95 12.06 -6.66
CA ARG A 94 12.86 13.03 -6.85
C ARG A 94 12.13 12.80 -8.16
N TYR A 95 10.86 12.44 -8.06
CA TYR A 95 10.00 12.11 -9.19
C TYR A 95 10.66 11.17 -10.19
N ALA A 96 11.39 10.18 -9.69
CA ALA A 96 12.06 9.21 -10.55
C ALA A 96 11.58 7.78 -10.37
N ALA A 97 11.15 7.41 -9.17
CA ALA A 97 10.80 6.00 -8.87
C ALA A 97 9.74 5.39 -9.79
N HIS A 98 8.78 6.20 -10.22
CA HIS A 98 7.75 5.71 -11.12
C HIS A 98 8.28 5.23 -12.48
N HIS A 99 9.53 5.56 -12.78
CA HIS A 99 10.20 5.10 -13.99
C HIS A 99 11.10 3.88 -13.78
N PHE A 100 11.28 3.41 -12.53
CA PHE A 100 12.14 2.26 -12.27
C PHE A 100 11.53 0.99 -12.88
N SER A 101 12.33 0.17 -13.53
CA SER A 101 11.84 -1.09 -14.11
C SER A 101 11.57 -2.13 -13.02
N ASP A 102 12.24 -2.00 -11.88
CA ASP A 102 12.07 -2.93 -10.75
C ASP A 102 12.32 -2.19 -9.44
N VAL A 103 11.27 -1.55 -8.95
CA VAL A 103 11.36 -0.70 -7.77
C VAL A 103 11.80 -1.49 -6.52
N ARG A 104 11.37 -2.74 -6.39
CA ARG A 104 11.77 -3.59 -5.27
C ARG A 104 13.30 -3.80 -5.21
N LYS A 105 13.91 -4.08 -6.36
CA LYS A 105 15.36 -4.16 -6.47
C LYS A 105 16.06 -2.80 -6.28
N ALA A 106 15.44 -1.71 -6.75
CA ALA A 106 15.96 -0.33 -6.52
C ALA A 106 16.12 -0.03 -5.00
N VAL A 107 15.07 -0.29 -4.22
CA VAL A 107 15.10 -0.04 -2.77
C VAL A 107 16.11 -0.90 -2.07
N ARG A 108 16.26 -2.13 -2.54
CA ARG A 108 17.26 -3.02 -1.98
C ARG A 108 18.67 -2.44 -2.20
N GLU A 109 18.90 -1.90 -3.39
CA GLU A 109 20.18 -1.26 -3.72
C GLU A 109 20.40 0.05 -2.94
N VAL A 110 19.35 0.87 -2.83
CA VAL A 110 19.40 2.07 -2.03
C VAL A 110 19.80 1.72 -0.60
N ALA A 111 19.12 0.74 0.01
CA ALA A 111 19.45 0.35 1.38
C ALA A 111 20.88 -0.14 1.50
N ARG A 112 21.36 -0.90 0.51
CA ARG A 112 22.72 -1.44 0.54
C ARG A 112 23.79 -0.33 0.58
N VAL A 113 23.67 0.66 -0.30
CA VAL A 113 24.67 1.73 -0.42
C VAL A 113 24.51 2.87 0.60
N LEU A 114 23.38 2.91 1.30
CA LEU A 114 23.15 3.86 2.37
C LEU A 114 23.95 3.46 3.60
N LYS A 115 24.61 4.43 4.25
CA LYS A 115 25.27 4.18 5.52
C LYS A 115 24.22 3.90 6.61
N GLN A 116 24.60 3.13 7.62
CA GLN A 116 23.78 2.99 8.80
C GLN A 116 23.34 4.34 9.32
N ASP A 117 22.05 4.44 9.63
CA ASP A 117 21.43 5.67 10.08
C ASP A 117 21.47 6.79 9.03
N GLY A 118 21.84 6.46 7.79
CA GLY A 118 21.75 7.40 6.68
C GLY A 118 20.30 7.63 6.27
N ARG A 119 20.08 8.68 5.49
CA ARG A 119 18.74 9.13 5.05
C ARG A 119 18.46 8.91 3.57
N PHE A 120 17.36 8.25 3.27
CA PHE A 120 16.81 8.15 1.92
C PHE A 120 15.62 9.09 1.83
N LEU A 121 15.72 10.04 0.90
CA LEU A 121 14.70 11.05 0.72
C LEU A 121 14.03 10.82 -0.61
N LEU A 122 12.78 10.39 -0.55
CA LEU A 122 12.05 9.95 -1.71
C LEU A 122 10.85 10.87 -1.93
N VAL A 123 10.84 11.56 -3.08
CA VAL A 123 9.69 12.31 -3.51
C VAL A 123 9.13 11.66 -4.77
N ASP A 124 7.84 11.38 -4.74
CA ASP A 124 7.16 10.97 -5.93
C ASP A 124 5.67 11.21 -5.77
N HIS A 125 4.95 11.11 -6.87
CA HIS A 125 3.52 10.99 -6.75
C HIS A 125 3.21 9.50 -6.52
N TYR A 126 2.09 9.22 -5.90
CA TYR A 126 1.76 7.88 -5.48
C TYR A 126 0.32 7.51 -5.83
N ALA A 127 0.07 6.21 -5.85
CA ALA A 127 -1.25 5.63 -6.09
C ALA A 127 -2.04 5.61 -4.78
N PRO A 128 -3.31 6.07 -4.81
CA PRO A 128 -4.17 5.87 -3.67
C PRO A 128 -4.29 4.37 -3.33
N GLU A 129 -4.68 4.10 -2.10
CA GLU A 129 -4.84 2.71 -1.62
C GLU A 129 -5.90 1.95 -2.42
N ASP A 130 -7.01 2.64 -2.74
CA ASP A 130 -8.12 2.04 -3.53
C ASP A 130 -7.62 1.63 -4.90
N PRO A 131 -7.67 0.31 -5.20
CA PRO A 131 -7.06 -0.16 -6.44
C PRO A 131 -7.59 0.47 -7.71
N VAL A 132 -8.86 0.88 -7.69
CA VAL A 132 -9.49 1.51 -8.87
C VAL A 132 -8.93 2.92 -9.12
N LEU A 133 -8.57 3.62 -8.05
CA LEU A 133 -7.95 4.94 -8.17
C LEU A 133 -6.46 4.80 -8.52
N ASP A 134 -5.82 3.80 -7.90
CA ASP A 134 -4.47 3.36 -8.24
C ASP A 134 -4.32 3.18 -9.76
N GLU A 135 -5.19 2.33 -10.29
CA GLU A 135 -5.26 2.06 -11.71
C GLU A 135 -5.57 3.31 -12.57
N PHE A 136 -6.47 4.17 -12.10
CA PHE A 136 -6.86 5.36 -12.86
C PHE A 136 -5.67 6.28 -13.11
N VAL A 137 -4.95 6.56 -12.04
CA VAL A 137 -3.82 7.47 -12.10
C VAL A 137 -2.62 6.85 -12.82
N ASN A 138 -2.39 5.56 -12.63
CA ASN A 138 -1.31 4.90 -13.36
C ASN A 138 -1.54 4.87 -14.87
N HIS A 139 -2.78 4.57 -15.25
CA HIS A 139 -3.18 4.61 -16.65
C HIS A 139 -3.04 6.04 -17.20
N LEU A 140 -3.50 7.05 -16.46
CA LEU A 140 -3.41 8.45 -16.92
C LEU A 140 -1.96 8.80 -17.24
N ASN A 141 -1.06 8.48 -16.31
CA ASN A 141 0.34 8.83 -16.48
C ASN A 141 1.05 8.00 -17.58
N ARG A 142 0.68 6.72 -17.73
CA ARG A 142 1.24 5.89 -18.80
C ARG A 142 0.78 6.35 -20.21
N LEU A 143 -0.45 6.84 -20.31
CA LEU A 143 -0.97 7.33 -21.60
C LEU A 143 -0.11 8.49 -22.08
N ARG A 144 0.29 9.32 -21.12
CA ARG A 144 1.03 10.53 -21.44
C ARG A 144 2.52 10.24 -21.61
N ASP A 145 3.03 9.26 -20.85
CA ASP A 145 4.48 8.98 -20.81
C ASP A 145 4.71 7.47 -20.88
N PRO A 146 5.00 6.92 -22.08
CA PRO A 146 5.25 5.48 -22.17
C PRO A 146 6.51 5.01 -21.41
N SER A 147 7.26 5.93 -20.85
CA SER A 147 8.35 5.60 -19.93
C SER A 147 7.84 5.18 -18.53
N HIS A 148 6.60 5.58 -18.22
CA HIS A 148 5.97 5.32 -16.93
C HIS A 148 5.85 3.83 -16.70
N VAL A 149 6.35 3.35 -15.57
CA VAL A 149 6.25 1.94 -15.23
C VAL A 149 5.13 1.79 -14.22
N ARG A 150 5.31 2.32 -13.02
CA ARG A 150 4.25 2.27 -12.01
C ARG A 150 4.57 3.23 -10.89
N GLU A 151 3.55 3.96 -10.43
CA GLU A 151 3.64 4.68 -9.18
C GLU A 151 3.00 3.83 -8.09
N SER A 152 3.83 3.47 -7.12
CA SER A 152 3.46 2.58 -6.04
C SER A 152 2.54 3.30 -5.06
N SER A 153 1.78 2.52 -4.30
CA SER A 153 0.99 3.05 -3.20
C SER A 153 1.86 3.28 -1.97
N LEU A 154 1.36 4.02 -0.98
CA LEU A 154 2.08 4.24 0.29
C LEU A 154 2.27 2.96 1.11
N SER A 155 1.25 2.11 1.11
CA SER A 155 1.38 0.74 1.63
C SER A 155 2.54 -0.01 1.08
N GLU A 156 2.64 0.00 -0.25
CA GLU A 156 3.75 -0.66 -0.91
C GLU A 156 5.10 -0.10 -0.51
N TRP A 157 5.23 1.23 -0.42
CA TRP A 157 6.49 1.83 0.04
C TRP A 157 6.81 1.45 1.46
N GLN A 158 5.81 1.46 2.32
CA GLN A 158 6.03 1.04 3.70
C GLN A 158 6.53 -0.41 3.79
N ALA A 159 5.95 -1.30 2.97
CA ALA A 159 6.33 -2.73 2.98
C ALA A 159 7.74 -2.94 2.43
N MSE A 160 8.07 -2.22 1.35
CA MSE A 160 9.44 -2.25 0.80
C MSE A 160 10.50 -1.69 1.76
O MSE A 160 11.60 -2.21 1.86
CB MSE A 160 9.50 -1.47 -0.51
CG MSE A 160 8.62 -2.09 -1.58
SE MSE A 160 8.94 -1.40 -3.42
CE MSE A 160 7.63 0.10 -3.44
N PHE A 161 10.19 -0.62 2.47
CA PHE A 161 11.11 -0.10 3.45
C PHE A 161 11.35 -1.10 4.57
N SER A 162 10.26 -1.69 5.06
CA SER A 162 10.34 -2.70 6.11
C SER A 162 11.16 -3.92 5.65
N ALA A 163 10.98 -4.35 4.41
CA ALA A 163 11.75 -5.46 3.83
C ALA A 163 13.26 -5.23 3.79
N ASN A 164 13.67 -3.97 3.85
CA ASN A 164 15.06 -3.55 3.68
C ASN A 164 15.60 -2.79 4.88
N GLN A 165 14.93 -2.94 6.02
CA GLN A 165 15.37 -2.41 7.29
C GLN A 165 15.53 -0.88 7.27
N LEU A 166 14.68 -0.23 6.49
CA LEU A 166 14.52 1.23 6.56
C LEU A 166 13.32 1.58 7.43
N ALA A 167 13.55 2.45 8.43
CA ALA A 167 12.45 3.09 9.12
C ALA A 167 11.74 4.06 8.16
N TYR A 168 10.40 4.05 8.16
CA TYR A 168 9.58 4.87 7.26
C TYR A 168 8.96 6.06 7.98
N GLN A 169 9.03 7.23 7.35
CA GLN A 169 8.32 8.40 7.84
C GLN A 169 7.78 9.19 6.66
N ASP A 170 6.49 9.50 6.72
CA ASP A 170 5.85 10.46 5.83
C ASP A 170 6.14 11.90 6.34
N ILE A 171 6.97 12.62 5.62
CA ILE A 171 7.33 13.97 6.01
C ILE A 171 6.25 14.99 5.63
N GLN A 172 5.74 14.92 4.40
CA GLN A 172 4.66 15.78 3.97
C GLN A 172 4.02 15.19 2.75
N LYS A 173 2.70 15.35 2.70
CA LYS A 173 1.86 14.99 1.58
C LYS A 173 1.25 16.26 1.04
N TRP A 174 1.11 16.35 -0.27
CA TRP A 174 0.46 17.51 -0.88
C TRP A 174 -0.13 17.11 -2.21
N ASN A 175 -1.12 17.88 -2.65
CA ASN A 175 -1.69 17.74 -4.00
C ASN A 175 -0.80 18.48 -4.97
N LEU A 176 -0.33 17.79 -5.99
CA LEU A 176 0.52 18.39 -7.00
C LEU A 176 -0.36 18.84 -8.16
N PRO A 177 -0.54 20.17 -8.33
CA PRO A 177 -1.46 20.66 -9.36
C PRO A 177 -0.87 20.57 -10.76
N ILE A 178 -1.66 20.10 -11.70
CA ILE A 178 -1.23 19.96 -13.08
C ILE A 178 -2.14 20.79 -13.97
N GLN A 179 -1.53 21.72 -14.69
CA GLN A 179 -2.21 22.49 -15.72
C GLN A 179 -2.15 21.67 -17.00
N TYR A 180 -3.32 21.22 -17.44
CA TYR A 180 -3.45 20.23 -18.49
C TYR A 180 -2.73 20.59 -19.81
N ASP A 181 -2.94 21.83 -20.29
CA ASP A 181 -2.42 22.22 -21.61
C ASP A 181 -0.92 22.13 -21.61
N SER A 182 -0.33 22.62 -20.53
CA SER A 182 1.11 22.62 -20.36
C SER A 182 1.67 21.20 -20.21
N TRP A 183 0.98 20.36 -19.45
CA TRP A 183 1.35 18.96 -19.24
C TRP A 183 1.38 18.17 -20.54
N ILE A 184 0.39 18.37 -21.40
CA ILE A 184 0.35 17.73 -22.72
C ILE A 184 1.48 18.21 -23.60
N LYS A 185 1.70 19.52 -23.66
CA LYS A 185 2.83 20.10 -24.41
C LYS A 185 4.20 19.55 -23.99
N ARG A 186 4.50 19.53 -22.69
CA ARG A 186 5.77 19.00 -22.18
C ARG A 186 5.95 17.49 -22.42
N GLY A 187 4.84 16.76 -22.55
CA GLY A 187 4.88 15.34 -22.91
C GLY A 187 4.97 15.08 -24.42
N GLY A 188 4.76 16.10 -25.25
CA GLY A 188 4.68 15.93 -26.71
C GLY A 188 3.68 14.88 -27.19
N THR A 189 2.55 14.73 -26.48
CA THR A 189 1.64 13.60 -26.75
C THR A 189 0.88 13.89 -28.05
N PRO A 190 0.87 12.92 -28.98
CA PRO A 190 0.12 13.08 -30.23
C PRO A 190 -1.41 13.03 -30.04
N ALA A 191 -2.14 13.50 -31.06
CA ALA A 191 -3.58 13.71 -30.97
C ALA A 191 -4.40 12.49 -30.52
N ASP A 192 -4.08 11.32 -31.06
CA ASP A 192 -4.84 10.13 -30.73
C ASP A 192 -4.54 9.66 -29.28
N ARG A 193 -3.28 9.68 -28.86
CA ARG A 193 -2.94 9.48 -27.44
C ARG A 193 -3.67 10.48 -26.54
N GLU A 194 -3.65 11.75 -26.93
CA GLU A 194 -4.36 12.77 -26.17
C GLU A 194 -5.85 12.52 -26.13
N LYS A 195 -6.45 12.11 -27.23
CA LYS A 195 -7.88 11.84 -27.23
C LYS A 195 -8.20 10.77 -26.18
N GLN A 196 -7.33 9.76 -26.05
CA GLN A 196 -7.50 8.72 -25.00
C GLN A 196 -7.43 9.31 -23.58
N ILE A 197 -6.50 10.23 -23.37
CA ILE A 197 -6.39 10.95 -22.08
C ILE A 197 -7.67 11.72 -21.79
N ILE A 198 -8.20 12.43 -22.79
CA ILE A 198 -9.39 13.24 -22.61
C ILE A 198 -10.57 12.36 -22.24
N THR A 199 -10.74 11.24 -22.93
CA THR A 199 -11.80 10.26 -22.61
C THR A 199 -11.65 9.72 -21.18
N HIS A 200 -10.43 9.39 -20.80
CA HIS A 200 -10.13 8.87 -19.45
C HIS A 200 -10.56 9.86 -18.37
N LEU A 201 -10.20 11.12 -18.55
CA LEU A 201 -10.57 12.19 -17.60
C LEU A 201 -12.06 12.48 -17.59
N ASN A 202 -12.67 12.50 -18.77
CA ASN A 202 -14.10 12.78 -18.89
C ASN A 202 -14.99 11.68 -18.37
N HIS A 203 -14.50 10.44 -18.39
CA HIS A 203 -15.27 9.30 -17.88
C HIS A 203 -14.86 8.88 -16.47
N ALA A 204 -14.05 9.68 -15.79
CA ALA A 204 -13.69 9.42 -14.39
C ALA A 204 -14.90 9.23 -13.45
N SER A 205 -14.84 8.26 -12.55
CA SER A 205 -15.86 8.11 -11.50
C SER A 205 -15.91 9.35 -10.61
N ASP A 206 -16.96 9.47 -9.83
CA ASP A 206 -17.07 10.55 -8.87
C ASP A 206 -15.90 10.55 -7.90
N GLU A 207 -15.50 9.36 -7.47
CA GLU A 207 -14.39 9.22 -6.51
C GLU A 207 -13.07 9.70 -7.15
N ALA A 208 -12.82 9.36 -8.41
CA ALA A 208 -11.61 9.80 -9.12
C ALA A 208 -11.60 11.32 -9.35
N ARG A 209 -12.75 11.86 -9.72
CA ARG A 209 -12.92 13.28 -9.88
C ARG A 209 -12.64 14.07 -8.59
N ASP A 210 -13.07 13.53 -7.46
CA ASP A 210 -12.79 14.11 -6.13
C ASP A 210 -11.32 13.95 -5.76
N THR A 211 -10.80 12.73 -5.82
CA THR A 211 -9.44 12.44 -5.41
C THR A 211 -8.42 13.21 -6.24
N PHE A 212 -8.63 13.29 -7.54
CA PHE A 212 -7.64 13.90 -8.44
C PHE A 212 -8.05 15.31 -8.93
N CYS A 213 -9.03 15.92 -8.26
CA CYS A 213 -9.37 17.33 -8.46
C CYS A 213 -9.52 17.68 -9.93
N ILE A 214 -10.33 16.91 -10.64
CA ILE A 214 -10.45 17.02 -12.08
C ILE A 214 -11.33 18.21 -12.44
N THR A 215 -10.77 19.14 -13.21
CA THR A 215 -11.50 20.30 -13.69
C THR A 215 -11.54 20.24 -15.24
N LEU A 216 -12.73 20.41 -15.79
CA LEU A 216 -12.99 20.31 -17.24
C LEU A 216 -13.80 21.52 -17.76
N ASN A 217 -13.61 21.84 -19.04
CA ASN A 217 -14.53 22.74 -19.76
C ASN A 217 -15.85 22.02 -20.02
N GLN A 218 -16.91 22.80 -20.28
CA GLN A 218 -18.22 22.20 -20.63
C GLN A 218 -18.14 21.27 -21.82
N ASN A 219 -17.31 21.61 -22.80
CA ASN A 219 -17.13 20.72 -23.97
C ASN A 219 -16.18 19.53 -23.74
N GLY A 220 -15.81 19.28 -22.50
CA GLY A 220 -14.99 18.13 -22.13
C GLY A 220 -13.49 18.32 -22.24
N GLN A 221 -13.04 19.47 -22.71
CA GLN A 221 -11.61 19.76 -22.82
C GLN A 221 -11.07 19.91 -21.38
N PRO A 222 -10.08 19.08 -20.98
CA PRO A 222 -9.61 19.17 -19.59
C PRO A 222 -8.86 20.45 -19.32
N ILE A 223 -8.94 20.91 -18.06
CA ILE A 223 -8.28 22.12 -17.63
C ILE A 223 -7.15 21.82 -16.65
N SER A 224 -7.47 21.05 -15.61
CA SER A 224 -6.50 20.75 -14.58
C SER A 224 -6.86 19.48 -13.81
N PHE A 225 -5.86 18.95 -13.10
CA PHE A 225 -6.08 17.86 -12.15
C PHE A 225 -4.95 17.89 -11.15
N CYS A 226 -5.04 17.09 -10.10
CA CYS A 226 -3.97 16.99 -9.13
C CYS A 226 -3.51 15.56 -9.00
N LEU A 227 -2.21 15.41 -8.86
CA LEU A 227 -1.60 14.15 -8.50
C LEU A 227 -1.36 14.19 -6.99
N LYS A 228 -1.16 13.01 -6.39
CA LYS A 228 -0.87 12.89 -4.95
C LYS A 228 0.63 12.75 -4.74
N ALA A 229 1.23 13.72 -4.07
CA ALA A 229 2.69 13.77 -3.92
C ALA A 229 3.04 13.62 -2.48
N ILE A 230 4.25 13.12 -2.24
CA ILE A 230 4.75 12.91 -0.90
C ILE A 230 6.27 13.05 -0.83
N LEU A 231 6.78 13.44 0.34
CA LEU A 231 8.17 13.18 0.69
C LEU A 231 8.16 12.15 1.77
N ILE A 232 8.82 11.03 1.49
CA ILE A 232 9.03 9.96 2.43
C ILE A 232 10.50 10.01 2.82
N GLN A 233 10.76 9.86 4.11
CA GLN A 233 12.11 9.64 4.61
C GLN A 233 12.27 8.20 5.08
N GLY A 234 13.29 7.54 4.54
CA GLY A 234 13.80 6.26 5.06
C GLY A 234 15.08 6.44 5.85
N ILE A 235 15.18 5.79 7.00
CA ILE A 235 16.42 5.78 7.76
C ILE A 235 16.86 4.31 7.92
N LYS A 236 18.12 4.04 7.55
CA LYS A 236 18.68 2.70 7.63
C LYS A 236 18.93 2.29 9.09
N ARG A 237 18.22 1.25 9.53
CA ARG A 237 18.35 0.70 10.87
C ARG A 237 18.78 -0.78 10.72
N GLU A 238 18.15 -1.69 11.46
CA GLU A 238 18.62 -3.09 11.60
C GLU A 238 17.44 -4.07 11.51
N GLY A 239 17.71 -5.36 11.66
CA GLY A 239 16.64 -6.35 11.58
C GLY A 239 16.77 -7.56 12.48
N HIS B 6 -7.73 0.65 6.36
CA HIS B 6 -7.60 -0.53 5.47
C HIS B 6 -8.35 -0.35 4.13
N HIS B 7 -8.05 0.75 3.45
CA HIS B 7 -8.77 1.14 2.23
C HIS B 7 -8.42 0.27 1.02
N HIS B 8 -7.22 -0.28 1.02
CA HIS B 8 -6.82 -1.10 -0.10
C HIS B 8 -7.69 -2.38 -0.17
N SER B 9 -7.84 -3.04 0.97
CA SER B 9 -8.63 -4.30 1.04
C SER B 9 -10.09 -4.07 0.71
N LEU B 10 -10.61 -2.96 1.21
CA LEU B 10 -11.97 -2.59 0.96
C LEU B 10 -12.21 -2.32 -0.51
N GLY B 11 -11.33 -1.53 -1.12
CA GLY B 11 -11.47 -1.25 -2.55
C GLY B 11 -11.31 -2.47 -3.43
N LEU B 12 -10.39 -3.35 -3.06
CA LEU B 12 -10.21 -4.61 -3.79
C LEU B 12 -11.46 -5.47 -3.76
N MSE B 13 -12.06 -5.59 -2.57
CA MSE B 13 -13.33 -6.30 -2.41
C MSE B 13 -14.43 -5.74 -3.29
O MSE B 13 -15.07 -6.51 -4.00
CB MSE B 13 -13.79 -6.24 -0.96
CG MSE B 13 -13.02 -7.18 -0.08
SE MSE B 13 -13.67 -7.05 1.75
CE MSE B 13 -13.86 -9.00 2.17
N ILE B 14 -14.61 -4.42 -3.25
CA ILE B 14 -15.66 -3.75 -4.02
C ILE B 14 -15.44 -4.00 -5.51
N LYS B 15 -14.22 -3.82 -5.96
CA LYS B 15 -13.88 -4.07 -7.35
C LYS B 15 -14.16 -5.54 -7.77
N THR B 16 -13.67 -6.46 -6.98
CA THR B 16 -13.84 -7.88 -7.26
C THR B 16 -15.32 -8.31 -7.21
N ALA B 17 -16.13 -7.70 -6.35
CA ALA B 17 -17.53 -8.08 -6.22
C ALA B 17 -18.39 -7.88 -7.49
N GLU B 18 -17.99 -6.97 -8.39
CA GLU B 18 -18.75 -6.67 -9.61
C GLU B 18 -20.26 -6.56 -9.33
N CYS B 19 -20.58 -5.72 -8.35
CA CYS B 19 -21.94 -5.60 -7.80
C CYS B 19 -23.01 -5.24 -8.81
N ARG B 20 -24.17 -5.88 -8.67
CA ARG B 20 -25.40 -5.48 -9.32
C ARG B 20 -26.31 -4.80 -8.28
N ALA B 21 -27.15 -3.89 -8.76
CA ALA B 21 -28.04 -3.11 -7.90
C ALA B 21 -29.01 -3.98 -7.10
N GLU B 22 -29.31 -5.16 -7.62
CA GLU B 22 -30.26 -6.07 -7.00
C GLU B 22 -29.61 -6.98 -5.97
N HIS B 23 -28.29 -6.87 -5.77
CA HIS B 23 -27.59 -7.80 -4.87
C HIS B 23 -27.81 -7.51 -3.38
N ARG B 24 -27.82 -8.60 -2.61
CA ARG B 24 -27.90 -8.54 -1.16
C ARG B 24 -26.58 -9.09 -0.66
N VAL B 25 -25.97 -8.36 0.27
CA VAL B 25 -24.71 -8.80 0.84
C VAL B 25 -24.70 -8.98 2.36
N LEU B 26 -23.93 -9.96 2.77
CA LEU B 26 -23.69 -10.26 4.15
C LEU B 26 -22.22 -9.98 4.50
N ASP B 27 -22.01 -9.21 5.56
CA ASP B 27 -20.67 -8.99 6.11
C ASP B 27 -20.51 -9.69 7.45
N ILE B 28 -19.62 -10.67 7.50
CA ILE B 28 -19.36 -11.46 8.70
C ILE B 28 -18.19 -10.89 9.45
N GLY B 29 -18.39 -10.61 10.73
CA GLY B 29 -17.42 -9.93 11.55
C GLY B 29 -17.37 -8.47 11.17
N ALA B 30 -18.53 -7.81 11.21
CA ALA B 30 -18.71 -6.47 10.66
C ALA B 30 -18.01 -5.34 11.40
N GLY B 31 -17.63 -5.54 12.66
CA GLY B 31 -16.97 -4.51 13.46
C GLY B 31 -17.74 -3.20 13.53
N ALA B 32 -17.05 -2.11 13.20
CA ALA B 32 -17.62 -0.77 13.28
C ALA B 32 -18.44 -0.44 12.04
N GLY B 33 -18.54 -1.38 11.09
CA GLY B 33 -19.48 -1.29 9.98
C GLY B 33 -18.92 -0.77 8.68
N HIS B 34 -17.59 -0.58 8.62
CA HIS B 34 -16.98 0.08 7.45
C HIS B 34 -17.17 -0.69 6.15
N THR B 35 -17.02 -2.01 6.18
CA THR B 35 -17.19 -2.80 4.97
C THR B 35 -18.63 -2.69 4.43
N ALA B 36 -19.60 -2.87 5.31
CA ALA B 36 -21.02 -2.79 4.93
C ALA B 36 -21.37 -1.43 4.34
N LEU B 37 -20.88 -0.38 4.98
CA LEU B 37 -21.15 0.99 4.51
C LEU B 37 -20.54 1.31 3.15
N ALA B 38 -19.35 0.75 2.89
CA ALA B 38 -18.68 0.91 1.60
C ALA B 38 -19.43 0.23 0.45
N PHE B 39 -20.05 -0.90 0.74
CA PHE B 39 -20.81 -1.62 -0.27
C PHE B 39 -22.16 -0.97 -0.55
N SER B 40 -22.69 -0.24 0.43
CA SER B 40 -24.08 0.20 0.40
C SER B 40 -24.56 1.03 -0.83
N PRO B 41 -23.71 1.91 -1.39
CA PRO B 41 -24.16 2.58 -2.62
C PRO B 41 -24.31 1.66 -3.85
N TYR B 42 -23.77 0.42 -3.80
CA TYR B 42 -23.68 -0.44 -4.97
C TYR B 42 -24.70 -1.56 -5.04
N VAL B 43 -25.35 -1.84 -3.91
CA VAL B 43 -26.19 -3.01 -3.79
C VAL B 43 -27.50 -2.62 -3.16
N GLN B 44 -28.45 -3.56 -3.17
CA GLN B 44 -29.77 -3.34 -2.60
C GLN B 44 -29.74 -3.22 -1.08
N GLU B 45 -29.02 -4.13 -0.42
CA GLU B 45 -29.03 -4.22 1.03
C GLU B 45 -27.73 -4.86 1.52
N CYS B 46 -27.25 -4.41 2.69
CA CYS B 46 -26.17 -5.04 3.42
C CYS B 46 -26.58 -5.34 4.85
N ILE B 47 -26.31 -6.58 5.28
CA ILE B 47 -26.52 -7.00 6.65
C ILE B 47 -25.16 -7.38 7.20
N GLY B 48 -24.86 -6.88 8.38
CA GLY B 48 -23.62 -7.21 9.07
C GLY B 48 -23.96 -8.01 10.30
N VAL B 49 -23.12 -8.98 10.61
CA VAL B 49 -23.15 -9.67 11.89
C VAL B 49 -21.86 -9.49 12.63
N ASP B 50 -21.96 -9.19 13.94
CA ASP B 50 -20.79 -9.17 14.80
C ASP B 50 -21.09 -9.88 16.11
N ALA B 51 -20.08 -10.55 16.64
CA ALA B 51 -20.21 -11.31 17.86
C ALA B 51 -20.45 -10.42 19.10
N THR B 52 -20.06 -9.15 19.07
CA THR B 52 -20.17 -8.32 20.27
C THR B 52 -21.25 -7.27 20.15
N LYS B 53 -22.13 -7.22 21.15
CA LYS B 53 -23.20 -6.25 21.25
C LYS B 53 -22.67 -4.83 21.07
N GLU B 54 -21.56 -4.53 21.71
CA GLU B 54 -20.97 -3.18 21.62
C GLU B 54 -20.71 -2.75 20.16
N MSE B 55 -20.13 -3.64 19.36
CA MSE B 55 -19.82 -3.35 17.96
C MSE B 55 -21.09 -3.24 17.11
O MSE B 55 -21.18 -2.44 16.18
CB MSE B 55 -18.88 -4.42 17.39
CG MSE B 55 -17.44 -4.32 17.94
SE MSE B 55 -16.72 -2.50 17.79
CE MSE B 55 -17.11 -1.81 19.56
N VAL B 56 -22.08 -4.06 17.42
CA VAL B 56 -23.37 -3.93 16.76
C VAL B 56 -23.97 -2.53 16.99
N GLU B 57 -23.90 -2.03 18.22
CA GLU B 57 -24.42 -0.69 18.55
C GLU B 57 -23.61 0.42 17.86
N VAL B 58 -22.30 0.31 17.90
CA VAL B 58 -21.42 1.29 17.25
C VAL B 58 -21.69 1.38 15.76
N ALA B 59 -21.74 0.23 15.11
CA ALA B 59 -21.98 0.16 13.67
C ALA B 59 -23.35 0.74 13.31
N SER B 60 -24.37 0.39 14.10
CA SER B 60 -25.72 0.89 13.89
C SER B 60 -25.80 2.42 13.94
N SER B 61 -25.14 3.04 14.90
CA SER B 61 -25.13 4.50 15.04
C SER B 61 -24.28 5.15 13.93
N PHE B 62 -23.17 4.51 13.58
CA PHE B 62 -22.38 4.91 12.41
C PHE B 62 -23.24 5.01 11.15
N ALA B 63 -24.09 4.02 10.91
CA ALA B 63 -25.00 4.05 9.75
C ALA B 63 -26.02 5.20 9.83
N GLN B 64 -26.55 5.46 11.04
CA GLN B 64 -27.49 6.59 11.27
C GLN B 64 -26.84 7.92 10.93
N GLU B 65 -25.74 8.18 11.60
CA GLU B 65 -24.86 9.32 11.38
C GLU B 65 -24.55 9.60 9.90
N LYS B 66 -24.38 8.53 9.11
CA LYS B 66 -24.08 8.70 7.67
C LYS B 66 -25.35 8.75 6.82
N GLY B 67 -26.51 8.57 7.43
CA GLY B 67 -27.78 8.60 6.71
C GLY B 67 -28.09 7.43 5.80
N VAL B 68 -27.34 6.33 5.92
CA VAL B 68 -27.57 5.17 5.03
C VAL B 68 -28.74 4.32 5.54
N GLU B 69 -29.67 4.01 4.65
CA GLU B 69 -30.92 3.32 5.02
C GLU B 69 -30.97 1.86 4.60
N ASN B 70 -29.97 1.39 3.86
CA ASN B 70 -30.01 0.04 3.32
C ASN B 70 -28.98 -0.90 3.97
N VAL B 71 -28.57 -0.58 5.21
CA VAL B 71 -27.59 -1.37 5.95
C VAL B 71 -28.10 -1.60 7.36
N ARG B 72 -28.01 -2.82 7.87
CA ARG B 72 -28.46 -3.14 9.22
C ARG B 72 -27.50 -4.13 9.87
N PHE B 73 -27.35 -4.00 11.18
CA PHE B 73 -26.41 -4.83 11.93
C PHE B 73 -27.12 -5.65 12.98
N GLN B 74 -26.62 -6.85 13.21
CA GLN B 74 -27.15 -7.68 14.29
C GLN B 74 -26.02 -8.49 14.93
N GLN B 75 -26.25 -8.95 16.15
CA GLN B 75 -25.29 -9.78 16.85
C GLN B 75 -25.42 -11.23 16.37
N GLY B 76 -24.29 -11.85 16.09
CA GLY B 76 -24.28 -13.27 15.75
C GLY B 76 -22.88 -13.73 15.47
N THR B 77 -22.72 -15.04 15.33
CA THR B 77 -21.43 -15.65 15.00
C THR B 77 -21.50 -16.26 13.61
N ALA B 78 -20.33 -16.30 12.98
CA ALA B 78 -20.17 -16.94 11.69
C ALA B 78 -20.50 -18.43 11.79
N GLU B 79 -20.28 -19.01 12.96
CA GLU B 79 -20.50 -20.45 13.17
C GLU B 79 -21.97 -20.83 13.19
N SER B 80 -22.88 -19.87 13.39
CA SER B 80 -24.33 -20.17 13.35
C SER B 80 -25.05 -18.96 12.81
N LEU B 81 -25.25 -18.93 11.49
CA LEU B 81 -25.96 -17.84 10.83
C LEU B 81 -27.47 -18.14 10.79
N PRO B 82 -28.33 -17.18 11.16
CA PRO B 82 -29.76 -17.48 11.19
C PRO B 82 -30.47 -17.41 9.84
N PHE B 83 -29.74 -17.08 8.77
CA PHE B 83 -30.37 -16.78 7.50
C PHE B 83 -30.72 -18.05 6.74
N PRO B 84 -31.71 -17.98 5.82
CA PRO B 84 -32.08 -19.10 4.98
C PRO B 84 -30.93 -19.53 4.07
N ASP B 85 -30.97 -20.78 3.64
CA ASP B 85 -30.08 -21.30 2.60
C ASP B 85 -30.15 -20.40 1.36
N ASP B 86 -29.03 -20.20 0.68
CA ASP B 86 -29.03 -19.52 -0.62
C ASP B 86 -29.71 -18.15 -0.58
N SER B 87 -29.32 -17.31 0.37
CA SER B 87 -29.99 -16.02 0.51
C SER B 87 -29.14 -14.80 0.19
N PHE B 88 -27.84 -14.96 0.00
CA PHE B 88 -26.97 -13.83 -0.28
C PHE B 88 -26.21 -14.02 -1.58
N ASP B 89 -26.10 -12.94 -2.35
CA ASP B 89 -25.33 -12.89 -3.59
C ASP B 89 -23.84 -12.77 -3.28
N ILE B 90 -23.51 -12.06 -2.22
CA ILE B 90 -22.15 -11.77 -1.86
C ILE B 90 -22.03 -11.88 -0.34
N ILE B 91 -20.98 -12.53 0.11
CA ILE B 91 -20.65 -12.57 1.51
C ILE B 91 -19.22 -12.08 1.66
N THR B 92 -19.02 -11.15 2.57
CA THR B 92 -17.73 -10.56 2.79
C THR B 92 -17.24 -10.85 4.19
N CYS B 93 -15.92 -11.02 4.30
CA CYS B 93 -15.30 -11.23 5.59
C CYS B 93 -13.90 -10.63 5.54
N ARG B 94 -13.71 -9.52 6.24
CA ARG B 94 -12.49 -8.74 6.15
C ARG B 94 -11.75 -8.67 7.47
N TYR B 95 -10.60 -9.35 7.52
CA TYR B 95 -9.77 -9.39 8.71
C TYR B 95 -10.54 -9.83 9.95
N ALA B 96 -11.44 -10.78 9.79
CA ALA B 96 -12.27 -11.25 10.89
C ALA B 96 -12.07 -12.73 11.15
N ALA B 97 -11.68 -13.47 10.12
CA ALA B 97 -11.65 -14.93 10.23
C ALA B 97 -10.69 -15.41 11.30
N HIS B 98 -9.58 -14.69 11.51
CA HIS B 98 -8.62 -15.12 12.52
C HIS B 98 -9.15 -15.05 13.96
N HIS B 99 -10.33 -14.47 14.17
CA HIS B 99 -11.01 -14.46 15.48
C HIS B 99 -12.16 -15.47 15.59
N PHE B 100 -12.44 -16.24 14.55
CA PHE B 100 -13.51 -17.22 14.57
C PHE B 100 -13.10 -18.35 15.50
N SER B 101 -14.00 -18.79 16.36
CA SER B 101 -13.71 -19.92 17.26
C SER B 101 -13.57 -21.24 16.47
N ASP B 102 -14.32 -21.37 15.37
CA ASP B 102 -14.31 -22.60 14.58
C ASP B 102 -14.45 -22.25 13.09
N VAL B 103 -13.34 -22.02 12.41
CA VAL B 103 -13.39 -21.51 11.03
C VAL B 103 -14.02 -22.55 10.11
N ARG B 104 -13.82 -23.83 10.39
CA ARG B 104 -14.38 -24.87 9.51
C ARG B 104 -15.90 -24.77 9.50
N LYS B 105 -16.47 -24.56 10.66
CA LYS B 105 -17.92 -24.43 10.81
C LYS B 105 -18.38 -23.12 10.17
N ALA B 106 -17.60 -22.06 10.33
CA ALA B 106 -17.90 -20.76 9.68
C ALA B 106 -17.98 -20.89 8.16
N VAL B 107 -17.01 -21.60 7.58
CA VAL B 107 -17.00 -21.80 6.12
C VAL B 107 -18.22 -22.60 5.67
N ARG B 108 -18.59 -23.62 6.45
CA ARG B 108 -19.76 -24.43 6.15
C ARG B 108 -21.02 -23.55 6.12
N GLU B 109 -21.19 -22.68 7.10
CA GLU B 109 -22.32 -21.75 7.16
C GLU B 109 -22.33 -20.72 6.04
N VAL B 110 -21.17 -20.15 5.72
CA VAL B 110 -21.06 -19.23 4.59
C VAL B 110 -21.53 -19.92 3.31
N ALA B 111 -21.04 -21.13 3.06
CA ALA B 111 -21.45 -21.90 1.89
C ALA B 111 -22.97 -22.13 1.81
N ARG B 112 -23.60 -22.41 2.95
CA ARG B 112 -25.04 -22.67 3.00
C ARG B 112 -25.89 -21.45 2.61
N VAL B 113 -25.56 -20.30 3.19
CA VAL B 113 -26.37 -19.10 3.00
C VAL B 113 -26.02 -18.36 1.71
N LEU B 114 -24.89 -18.70 1.11
CA LEU B 114 -24.50 -18.14 -0.17
C LEU B 114 -25.36 -18.77 -1.26
N LYS B 115 -25.84 -17.94 -2.18
CA LYS B 115 -26.57 -18.41 -3.36
C LYS B 115 -25.67 -19.23 -4.28
N GLN B 116 -26.26 -20.16 -5.01
CA GLN B 116 -25.53 -20.84 -6.06
C GLN B 116 -24.86 -19.83 -6.97
N ASP B 117 -23.57 -20.03 -7.24
CA ASP B 117 -22.77 -19.12 -8.05
C ASP B 117 -22.58 -17.74 -7.43
N GLY B 118 -22.89 -17.61 -6.14
CA GLY B 118 -22.54 -16.42 -5.37
C GLY B 118 -21.06 -16.37 -5.03
N ARG B 119 -20.61 -15.20 -4.56
CA ARG B 119 -19.22 -14.91 -4.29
C ARG B 119 -18.99 -14.73 -2.80
N PHE B 120 -18.00 -15.41 -2.26
CA PHE B 120 -17.50 -15.16 -0.91
C PHE B 120 -16.18 -14.41 -1.12
N LEU B 121 -16.10 -13.21 -0.56
CA LEU B 121 -14.86 -12.43 -0.59
C LEU B 121 -14.22 -12.39 0.79
N LEU B 122 -13.05 -12.99 0.86
CA LEU B 122 -12.34 -13.20 2.09
C LEU B 122 -11.00 -12.45 2.07
N VAL B 123 -10.86 -11.49 2.97
CA VAL B 123 -9.59 -10.83 3.21
C VAL B 123 -9.11 -11.20 4.59
N ASP B 124 -7.88 -11.70 4.68
CA ASP B 124 -7.24 -11.85 5.98
C ASP B 124 -5.74 -11.94 5.81
N HIS B 125 -5.01 -11.84 6.91
CA HIS B 125 -3.63 -12.25 6.89
C HIS B 125 -3.60 -13.74 7.15
N TYR B 126 -2.53 -14.38 6.74
CA TYR B 126 -2.50 -15.84 6.68
C TYR B 126 -1.17 -16.37 7.12
N ALA B 127 -1.18 -17.63 7.54
CA ALA B 127 0.02 -18.29 8.04
C ALA B 127 0.79 -18.81 6.85
N PRO B 128 2.11 -18.56 6.83
CA PRO B 128 2.91 -19.22 5.81
C PRO B 128 2.81 -20.76 5.90
N GLU B 129 3.21 -21.42 4.83
CA GLU B 129 3.07 -22.88 4.75
C GLU B 129 4.00 -23.58 5.74
N ASP B 130 5.22 -23.06 5.91
CA ASP B 130 6.20 -23.57 6.88
C ASP B 130 5.66 -23.46 8.31
N PRO B 131 5.46 -24.61 9.00
CA PRO B 131 4.82 -24.58 10.31
C PRO B 131 5.52 -23.71 11.35
N VAL B 132 6.83 -23.56 11.23
CA VAL B 132 7.60 -22.71 12.15
C VAL B 132 7.26 -21.21 11.95
N LEU B 133 7.05 -20.80 10.72
CA LEU B 133 6.65 -19.42 10.43
C LEU B 133 5.18 -19.17 10.76
N ASP B 134 4.34 -20.15 10.44
CA ASP B 134 2.94 -20.21 10.89
C ASP B 134 2.86 -19.97 12.42
N GLU B 135 3.57 -20.79 13.19
CA GLU B 135 3.63 -20.61 14.64
C GLU B 135 4.16 -19.22 15.06
N PHE B 136 5.21 -18.75 14.39
CA PHE B 136 5.79 -17.44 14.71
C PHE B 136 4.75 -16.32 14.62
N VAL B 137 4.04 -16.24 13.51
CA VAL B 137 3.09 -15.15 13.30
C VAL B 137 1.81 -15.29 14.12
N ASN B 138 1.32 -16.51 14.31
CA ASN B 138 0.19 -16.75 15.22
C ASN B 138 0.50 -16.35 16.66
N HIS B 139 1.69 -16.71 17.16
CA HIS B 139 2.11 -16.34 18.51
C HIS B 139 2.22 -14.81 18.65
N LEU B 140 2.82 -14.16 17.64
CA LEU B 140 2.97 -12.71 17.62
C LEU B 140 1.63 -12.01 17.80
N ASN B 141 0.67 -12.38 16.96
CA ASN B 141 -0.63 -11.75 16.94
C ASN B 141 -1.43 -12.05 18.22
N ARG B 142 -1.27 -13.24 18.78
CA ARG B 142 -1.95 -13.60 20.01
C ARG B 142 -1.40 -12.86 21.25
N LEU B 143 -0.09 -12.69 21.34
CA LEU B 143 0.51 -11.81 22.34
C LEU B 143 -0.07 -10.40 22.32
N ARG B 144 -0.32 -9.88 21.12
CA ARG B 144 -0.82 -8.52 20.97
C ARG B 144 -2.30 -8.45 21.27
N ASP B 145 -3.02 -9.52 20.90
CA ASP B 145 -4.48 -9.56 20.99
C ASP B 145 -4.97 -10.93 21.47
N PRO B 146 -5.33 -11.06 22.74
CA PRO B 146 -5.74 -12.37 23.28
C PRO B 146 -7.00 -12.95 22.61
N SER B 147 -7.73 -12.10 21.89
CA SER B 147 -8.89 -12.50 21.08
C SER B 147 -8.52 -13.34 19.85
N HIS B 148 -7.24 -13.29 19.46
CA HIS B 148 -6.75 -13.98 18.27
C HIS B 148 -6.87 -15.48 18.50
N VAL B 149 -7.55 -16.17 17.58
CA VAL B 149 -7.70 -17.61 17.65
C VAL B 149 -6.61 -18.23 16.79
N ARG B 150 -6.73 -18.07 15.47
CA ARG B 150 -5.71 -18.60 14.57
C ARG B 150 -5.86 -18.03 13.18
N GLU B 151 -4.75 -17.65 12.58
CA GLU B 151 -4.74 -17.36 11.15
C GLU B 151 -4.32 -18.62 10.37
N SER B 152 -5.24 -19.09 9.52
CA SER B 152 -5.05 -20.29 8.72
C SER B 152 -4.08 -20.05 7.60
N SER B 153 -3.48 -21.14 7.12
CA SER B 153 -2.62 -21.13 5.96
C SER B 153 -3.47 -21.15 4.69
N LEU B 154 -2.87 -20.82 3.56
CA LEU B 154 -3.58 -20.87 2.30
C LEU B 154 -3.98 -22.29 1.88
N SER B 155 -3.12 -23.26 2.18
CA SER B 155 -3.45 -24.68 2.03
C SER B 155 -4.75 -25.01 2.74
N GLU B 156 -4.82 -24.65 4.02
CA GLU B 156 -6.05 -24.87 4.80
C GLU B 156 -7.30 -24.21 4.19
N TRP B 157 -7.15 -22.99 3.68
CA TRP B 157 -8.28 -22.30 3.05
C TRP B 157 -8.72 -23.02 1.83
N GLN B 158 -7.78 -23.45 1.00
CA GLN B 158 -8.15 -24.24 -0.19
C GLN B 158 -8.91 -25.53 0.15
N ALA B 159 -8.42 -26.23 1.16
CA ALA B 159 -9.08 -27.46 1.62
C ALA B 159 -10.47 -27.20 2.20
N MSE B 160 -10.63 -26.15 3.02
CA MSE B 160 -11.97 -25.80 3.51
C MSE B 160 -12.94 -25.39 2.41
O MSE B 160 -14.11 -25.75 2.44
CB MSE B 160 -11.89 -24.69 4.56
CG MSE B 160 -11.19 -25.17 5.82
SE MSE B 160 -11.19 -23.84 7.22
CE MSE B 160 -9.56 -22.77 6.76
N PHE B 161 -12.48 -24.64 1.42
CA PHE B 161 -13.33 -24.28 0.27
C PHE B 161 -13.76 -25.54 -0.48
N SER B 162 -12.80 -26.42 -0.75
CA SER B 162 -13.08 -27.66 -1.48
C SER B 162 -14.07 -28.54 -0.68
N ALA B 163 -13.91 -28.60 0.64
CA ALA B 163 -14.84 -29.34 1.48
C ALA B 163 -16.28 -28.81 1.40
N ASN B 164 -16.46 -27.57 0.98
CA ASN B 164 -17.77 -26.92 0.98
C ASN B 164 -18.25 -26.49 -0.41
N GLN B 165 -17.66 -27.12 -1.43
CA GLN B 165 -18.04 -26.89 -2.84
C GLN B 165 -17.95 -25.43 -3.27
N LEU B 166 -16.94 -24.75 -2.74
CA LEU B 166 -16.52 -23.42 -3.17
C LEU B 166 -15.28 -23.53 -4.02
N ALA B 167 -15.35 -22.99 -5.23
CA ALA B 167 -14.18 -22.79 -6.10
C ALA B 167 -13.34 -21.68 -5.50
N TYR B 168 -12.02 -21.88 -5.53
CA TYR B 168 -11.05 -21.02 -4.85
C TYR B 168 -10.28 -20.25 -5.90
N GLN B 169 -10.12 -18.95 -5.67
CA GLN B 169 -9.23 -18.11 -6.47
C GLN B 169 -8.52 -17.11 -5.58
N ASP B 170 -7.20 -17.08 -5.71
CA ASP B 170 -6.36 -16.03 -5.13
C ASP B 170 -6.45 -14.78 -6.03
N ILE B 171 -7.08 -13.72 -5.54
CA ILE B 171 -7.24 -12.50 -6.33
C ILE B 171 -5.96 -11.65 -6.24
N GLN B 172 -5.44 -11.47 -5.03
CA GLN B 172 -4.20 -10.75 -4.85
C GLN B 172 -3.62 -11.07 -3.49
N LYS B 173 -2.30 -11.14 -3.45
CA LYS B 173 -1.52 -11.29 -2.22
C LYS B 173 -0.67 -10.06 -2.04
N TRP B 174 -0.52 -9.58 -0.81
CA TRP B 174 0.35 -8.46 -0.56
C TRP B 174 0.94 -8.51 0.84
N ASN B 175 2.06 -7.83 1.01
CA ASN B 175 2.59 -7.62 2.35
C ASN B 175 1.87 -6.47 3.03
N LEU B 176 1.31 -6.76 4.19
CA LEU B 176 0.62 -5.73 4.95
C LEU B 176 1.62 -5.11 5.96
N PRO B 177 1.98 -3.83 5.75
CA PRO B 177 2.95 -3.14 6.59
C PRO B 177 2.38 -2.73 7.95
N ILE B 178 3.12 -3.04 9.01
CA ILE B 178 2.70 -2.71 10.35
C ILE B 178 3.75 -1.83 10.99
N GLN B 179 3.31 -0.67 11.46
CA GLN B 179 4.14 0.27 12.18
C GLN B 179 3.94 -0.11 13.64
N TYR B 180 5.02 -0.55 14.29
CA TYR B 180 4.96 -1.21 15.57
C TYR B 180 4.27 -0.41 16.70
N ASP B 181 4.71 0.82 16.92
CA ASP B 181 4.23 1.62 18.06
C ASP B 181 2.74 1.83 17.99
N SER B 182 2.29 2.15 16.79
CA SER B 182 0.89 2.34 16.47
C SER B 182 0.08 1.04 16.68
N TRP B 183 0.64 -0.07 16.23
CA TRP B 183 0.02 -1.39 16.36
C TRP B 183 -0.17 -1.78 17.84
N ILE B 184 0.86 -1.58 18.65
CA ILE B 184 0.78 -1.83 20.12
C ILE B 184 -0.33 -0.97 20.76
N LYS B 185 -0.31 0.32 20.49
CA LYS B 185 -1.34 1.27 20.95
C LYS B 185 -2.75 0.83 20.64
N ARG B 186 -3.03 0.64 19.34
CA ARG B 186 -4.33 0.15 18.88
C ARG B 186 -4.70 -1.19 19.50
N GLY B 187 -3.71 -1.99 19.85
CA GLY B 187 -3.98 -3.26 20.52
C GLY B 187 -4.46 -3.16 21.97
N GLY B 188 -4.14 -2.06 22.64
CA GLY B 188 -4.31 -1.95 24.08
C GLY B 188 -3.39 -2.90 24.82
N THR B 189 -2.26 -3.24 24.18
CA THR B 189 -1.41 -4.33 24.68
C THR B 189 -0.72 -3.92 26.00
N PRO B 190 -0.90 -4.71 27.07
CA PRO B 190 -0.20 -4.39 28.32
C PRO B 190 1.34 -4.51 28.21
N ALA B 191 2.04 -3.84 29.12
CA ALA B 191 3.52 -3.79 29.08
C ALA B 191 4.17 -5.16 29.19
N ASP B 192 3.61 -6.04 30.02
CA ASP B 192 4.17 -7.39 30.17
C ASP B 192 4.11 -8.21 28.86
N ARG B 193 2.99 -8.12 28.15
CA ARG B 193 2.85 -8.75 26.83
C ARG B 193 3.68 -8.06 25.75
N GLU B 194 3.77 -6.74 25.79
CA GLU B 194 4.67 -6.02 24.89
C GLU B 194 6.16 -6.42 25.04
N LYS B 195 6.63 -6.66 26.26
CA LYS B 195 8.00 -7.15 26.48
C LYS B 195 8.23 -8.48 25.78
N GLN B 196 7.22 -9.34 25.87
CA GLN B 196 7.24 -10.64 25.21
C GLN B 196 7.23 -10.52 23.67
N ILE B 197 6.47 -9.56 23.15
CA ILE B 197 6.46 -9.30 21.72
C ILE B 197 7.86 -8.87 21.28
N ILE B 198 8.46 -7.97 22.06
CA ILE B 198 9.80 -7.45 21.77
C ILE B 198 10.81 -8.58 21.69
N THR B 199 10.82 -9.44 22.72
CA THR B 199 11.66 -10.63 22.72
C THR B 199 11.39 -11.56 21.54
N HIS B 200 10.13 -11.77 21.18
CA HIS B 200 9.75 -12.64 20.07
C HIS B 200 10.34 -12.14 18.72
N LEU B 201 10.18 -10.84 18.47
CA LEU B 201 10.72 -10.20 17.26
C LEU B 201 12.25 -10.18 17.22
N ASN B 202 12.87 -9.93 18.37
CA ASN B 202 14.32 -9.85 18.47
C ASN B 202 14.99 -11.18 18.34
N HIS B 203 14.31 -12.25 18.72
CA HIS B 203 14.89 -13.57 18.63
C HIS B 203 14.42 -14.36 17.41
N ALA B 204 13.78 -13.66 16.46
CA ALA B 204 13.25 -14.29 15.24
C ALA B 204 14.36 -14.95 14.44
N SER B 205 14.08 -16.12 13.88
CA SER B 205 14.98 -16.77 12.92
C SER B 205 15.28 -15.86 11.74
N ASP B 206 16.30 -16.21 10.97
CA ASP B 206 16.62 -15.46 9.76
C ASP B 206 15.46 -15.55 8.77
N GLU B 207 14.83 -16.72 8.69
CA GLU B 207 13.67 -16.94 7.82
C GLU B 207 12.47 -16.07 8.24
N ALA B 208 12.18 -16.00 9.53
CA ALA B 208 11.08 -15.16 10.02
C ALA B 208 11.34 -13.67 9.75
N ARG B 209 12.59 -13.23 9.99
CA ARG B 209 13.03 -11.87 9.73
C ARG B 209 12.85 -11.47 8.27
N ASP B 210 13.20 -12.38 7.37
CA ASP B 210 12.94 -12.18 5.93
C ASP B 210 11.46 -12.21 5.58
N THR B 211 10.76 -13.28 5.95
CA THR B 211 9.37 -13.45 5.60
C THR B 211 8.51 -12.31 6.15
N PHE B 212 8.79 -11.87 7.37
CA PHE B 212 7.93 -10.87 8.01
C PHE B 212 8.56 -9.46 8.05
N CYS B 213 9.60 -9.25 7.22
CA CYS B 213 10.22 -7.94 7.03
C CYS B 213 10.45 -7.18 8.31
N ILE B 214 11.11 -7.85 9.25
CA ILE B 214 11.30 -7.30 10.58
C ILE B 214 12.39 -6.21 10.55
N THR B 215 12.01 -5.01 10.98
CA THR B 215 12.95 -3.90 11.16
C THR B 215 13.00 -3.52 12.65
N LEU B 216 14.22 -3.47 13.17
CA LEU B 216 14.51 -3.16 14.57
C LEU B 216 15.51 -2.02 14.67
N ASN B 217 15.43 -1.27 15.76
CA ASN B 217 16.50 -0.37 16.17
C ASN B 217 17.72 -1.18 16.62
N GLN B 218 18.79 -0.44 16.82
CA GLN B 218 20.07 -0.91 17.33
C GLN B 218 19.94 -1.54 18.72
N ASN B 219 19.08 -0.96 19.56
CA ASN B 219 18.79 -1.51 20.93
C ASN B 219 17.74 -2.65 21.01
N GLY B 220 17.34 -3.20 19.87
CA GLY B 220 16.34 -4.27 19.82
C GLY B 220 14.89 -3.80 19.85
N GLN B 221 14.67 -2.51 19.81
CA GLN B 221 13.32 -1.98 19.86
C GLN B 221 12.67 -2.12 18.46
N PRO B 222 11.51 -2.81 18.38
CA PRO B 222 10.91 -3.01 17.06
C PRO B 222 10.42 -1.72 16.41
N ILE B 223 10.57 -1.66 15.09
CA ILE B 223 10.09 -0.53 14.29
C ILE B 223 8.90 -0.90 13.41
N SER B 224 9.05 -1.99 12.66
CA SER B 224 8.04 -2.42 11.69
C SER B 224 8.19 -3.90 11.34
N PHE B 225 7.11 -4.47 10.81
CA PHE B 225 7.16 -5.81 10.23
C PHE B 225 5.99 -5.86 9.23
N CYS B 226 5.94 -6.94 8.44
CA CYS B 226 4.85 -7.20 7.52
C CYS B 226 4.16 -8.50 7.85
N LEU B 227 2.83 -8.44 7.73
CA LEU B 227 1.98 -9.61 7.74
C LEU B 227 1.71 -10.01 6.29
N LYS B 228 1.35 -11.26 6.08
CA LYS B 228 1.04 -11.75 4.74
C LYS B 228 -0.48 -11.65 4.58
N ALA B 229 -0.93 -10.88 3.59
CA ALA B 229 -2.34 -10.65 3.38
C ALA B 229 -2.79 -11.13 2.01
N ILE B 230 -4.08 -11.41 1.89
CA ILE B 230 -4.66 -11.96 0.68
C ILE B 230 -6.12 -11.59 0.56
N LEU B 231 -6.58 -11.47 -0.68
CA LEU B 231 -8.00 -11.53 -0.99
C LEU B 231 -8.23 -12.81 -1.72
N ILE B 232 -9.06 -13.65 -1.11
CA ILE B 232 -9.53 -14.91 -1.70
C ILE B 232 -10.98 -14.75 -2.16
N GLN B 233 -11.28 -15.24 -3.33
CA GLN B 233 -12.66 -15.33 -3.79
C GLN B 233 -13.10 -16.80 -3.83
N GLY B 234 -14.24 -17.07 -3.20
CA GLY B 234 -14.94 -18.35 -3.35
C GLY B 234 -16.18 -18.20 -4.20
N ILE B 235 -16.43 -19.17 -5.07
CA ILE B 235 -17.67 -19.23 -5.83
C ILE B 235 -18.36 -20.55 -5.55
N LYS B 236 -19.62 -20.46 -5.12
CA LYS B 236 -20.42 -21.64 -4.76
C LYS B 236 -20.79 -22.39 -6.03
N ARG B 237 -20.25 -23.61 -6.16
CA ARG B 237 -20.54 -24.49 -7.29
C ARG B 237 -21.21 -25.77 -6.75
N GLU B 238 -20.76 -26.95 -7.16
CA GLU B 238 -21.45 -28.21 -6.81
C GLU B 238 -20.45 -29.34 -6.48
N GLY B 239 -20.94 -30.57 -6.35
CA GLY B 239 -20.03 -31.65 -6.04
C GLY B 239 -20.68 -32.99 -5.78
S SO4 C . 13.72 22.32 -10.22
O1 SO4 C . 14.91 22.45 -9.39
O2 SO4 C . 13.66 23.47 -11.12
O3 SO4 C . 12.54 22.26 -9.37
O4 SO4 C . 13.76 21.09 -11.04
S SO4 D . 6.73 20.17 -6.27
O1 SO4 D . 6.01 19.94 -5.05
O2 SO4 D . 8.07 20.72 -6.02
O3 SO4 D . 5.98 21.07 -7.09
O4 SO4 D . 6.77 18.96 -7.02
S SO4 E . 6.19 17.05 -15.93
O1 SO4 E . 6.23 15.58 -15.84
O2 SO4 E . 7.24 17.61 -15.06
O3 SO4 E . 4.90 17.56 -15.44
O4 SO4 E . 6.43 17.41 -17.32
S SO4 F . -5.15 -3.13 3.62
O1 SO4 F . -5.36 -3.86 4.84
O2 SO4 F . -4.10 -2.16 3.83
O3 SO4 F . -6.42 -2.52 3.29
O4 SO4 F . -4.65 -3.93 2.52
S SO4 G . -11.52 1.12 6.48
O1 SO4 G . -11.60 0.38 7.73
O2 SO4 G . -11.35 2.55 6.73
O3 SO4 G . -12.73 0.97 5.71
O4 SO4 G . -10.40 0.64 5.70
S SO4 H . -4.98 -3.21 13.41
O1 SO4 H . -4.96 -2.40 14.62
O2 SO4 H . -3.66 -3.23 12.79
O3 SO4 H . -5.93 -2.65 12.45
O4 SO4 H . -5.42 -4.54 13.83
S SO4 I . -20.47 -17.86 -13.69
O1 SO4 I . -21.05 -16.86 -14.58
O2 SO4 I . -19.02 -17.66 -13.64
O3 SO4 I . -21.02 -17.74 -12.34
O4 SO4 I . -20.77 -19.18 -14.22
S SO4 J . -27.60 -13.00 -16.54
O1 SO4 J . -27.99 -11.59 -16.53
O2 SO4 J . -26.99 -13.36 -15.24
O3 SO4 J . -28.75 -13.86 -16.74
O4 SO4 J . -26.65 -13.20 -17.63
#